data_2DT5
#
_entry.id   2DT5
#
_cell.length_a   135.595
_cell.length_b   135.595
_cell.length_c   68.424
_cell.angle_alpha   90.00
_cell.angle_beta   90.00
_cell.angle_gamma   90.00
#
_symmetry.space_group_name_H-M   'P 43 21 2'
#
loop_
_entity.id
_entity.type
_entity.pdbx_description
1 polymer 'AT-rich DNA-binding protein'
2 non-polymer 'SULFATE ION'
3 non-polymer 'CHLORIDE ION'
4 non-polymer NICOTINAMIDE-ADENINE-DINUCLEOTIDE
5 non-polymer GLYCEROL
6 water water
#
_entity_poly.entity_id   1
_entity_poly.type   'polypeptide(L)'
_entity_poly.pdbx_seq_one_letter_code
;MKVPEAAISRLITYLRILEELEAQGVHRTSSEQLGGLAQVTAFQVRKDLSYFGSYGTRGVGYTVPVLKRELRHILGLNRK
WGLCIVGMGRLGSALADYPGFGESFELRGFFDVDPEKVGRPVRGGVIEHVDLLPQRVPGRIEIALLTVPREAAQKAADLL
VAAGIKGILNFAPVVLEVPKEVAVENVDFLAGLTRLSFAILNPKWREEMMG
;
_entity_poly.pdbx_strand_id   A,B
#
loop_
_chem_comp.id
_chem_comp.type
_chem_comp.name
_chem_comp.formula
CL non-polymer 'CHLORIDE ION' 'Cl -1'
GOL non-polymer GLYCEROL 'C3 H8 O3'
NAD non-polymer NICOTINAMIDE-ADENINE-DINUCLEOTIDE 'C21 H27 N7 O14 P2'
SO4 non-polymer 'SULFATE ION' 'O4 S -2'
#
# COMPACT_ATOMS: atom_id res chain seq x y z
N LYS A 2 -4.95 8.46 -14.78
CA LYS A 2 -5.62 7.21 -14.31
C LYS A 2 -4.58 6.09 -14.18
N VAL A 3 -4.15 5.81 -12.95
CA VAL A 3 -3.15 4.78 -12.69
C VAL A 3 -3.77 3.42 -12.35
N PRO A 4 -3.66 2.44 -13.26
CA PRO A 4 -4.22 1.10 -13.01
C PRO A 4 -3.44 0.41 -11.88
N GLU A 5 -3.79 0.72 -10.63
CA GLU A 5 -3.08 0.18 -9.47
C GLU A 5 -2.99 -1.32 -9.35
N ALA A 6 -4.10 -2.01 -9.59
CA ALA A 6 -4.12 -3.47 -9.47
C ALA A 6 -3.36 -4.09 -10.63
N ALA A 7 -3.45 -3.46 -11.80
CA ALA A 7 -2.77 -3.97 -12.98
C ALA A 7 -1.26 -3.86 -12.79
N ILE A 8 -0.82 -2.72 -12.27
CA ILE A 8 0.59 -2.48 -12.03
C ILE A 8 1.11 -3.49 -11.02
N SER A 9 0.38 -3.70 -9.94
CA SER A 9 0.86 -4.64 -8.93
C SER A 9 1.01 -6.00 -9.57
N ARG A 10 0.15 -6.27 -10.55
CA ARG A 10 0.17 -7.54 -11.25
C ARG A 10 1.41 -7.60 -12.16
N LEU A 11 1.72 -6.48 -12.83
CA LEU A 11 2.89 -6.43 -13.72
C LEU A 11 4.18 -6.68 -12.94
N ILE A 12 4.24 -6.10 -11.75
CA ILE A 12 5.42 -6.26 -10.90
C ILE A 12 5.55 -7.73 -10.54
N THR A 13 4.41 -8.39 -10.30
CA THR A 13 4.43 -9.80 -9.98
C THR A 13 4.98 -10.57 -11.19
N TYR A 14 4.48 -10.26 -12.38
CA TYR A 14 4.95 -10.94 -13.59
C TYR A 14 6.46 -10.73 -13.77
N LEU A 15 6.92 -9.51 -13.52
CA LEU A 15 8.34 -9.16 -13.65
C LEU A 15 9.20 -10.04 -12.74
N ARG A 16 8.78 -10.14 -11.48
CA ARG A 16 9.47 -10.95 -10.48
C ARG A 16 9.48 -12.41 -10.92
N ILE A 17 8.37 -12.88 -11.50
CA ILE A 17 8.31 -14.25 -12.00
C ILE A 17 9.25 -14.41 -13.20
N LEU A 18 9.27 -13.42 -14.07
CA LEU A 18 10.13 -13.46 -15.24
C LEU A 18 11.59 -13.48 -14.83
N GLU A 19 11.91 -12.76 -13.75
CA GLU A 19 13.29 -12.73 -13.33
C GLU A 19 13.74 -14.13 -12.89
N GLU A 20 12.88 -14.82 -12.13
CA GLU A 20 13.19 -16.17 -11.67
C GLU A 20 13.19 -17.19 -12.83
N LEU A 21 12.24 -17.04 -13.76
CA LEU A 21 12.20 -17.95 -14.91
C LEU A 21 13.51 -17.84 -15.70
N GLU A 22 13.96 -16.62 -15.92
CA GLU A 22 15.22 -16.41 -16.64
C GLU A 22 16.36 -17.06 -15.85
N ALA A 23 16.39 -16.85 -14.54
CA ALA A 23 17.47 -17.42 -13.72
C ALA A 23 17.44 -18.93 -13.87
N GLN A 24 16.25 -19.50 -13.96
CA GLN A 24 16.11 -20.94 -14.11
C GLN A 24 16.35 -21.43 -15.54
N GLY A 25 16.81 -20.54 -16.41
CA GLY A 25 17.10 -20.95 -17.77
C GLY A 25 15.93 -21.08 -18.74
N VAL A 26 14.82 -20.41 -18.47
CA VAL A 26 13.65 -20.47 -19.35
C VAL A 26 13.71 -19.31 -20.35
N HIS A 27 13.77 -19.62 -21.65
CA HIS A 27 13.84 -18.58 -22.66
C HIS A 27 12.46 -18.10 -23.13
N ARG A 28 11.49 -19.00 -23.18
CA ARG A 28 10.14 -18.62 -23.59
C ARG A 28 9.13 -19.13 -22.59
N THR A 29 8.16 -18.29 -22.24
CA THR A 29 7.14 -18.69 -21.28
C THR A 29 5.72 -18.36 -21.77
N SER A 30 4.84 -19.35 -21.71
CA SER A 30 3.46 -19.19 -22.14
C SER A 30 2.61 -18.45 -21.09
N SER A 31 1.47 -17.93 -21.51
CA SER A 31 0.57 -17.23 -20.58
C SER A 31 0.12 -18.26 -19.55
N GLU A 32 0.12 -19.52 -19.95
CA GLU A 32 -0.28 -20.59 -19.03
C GLU A 32 0.77 -20.75 -17.92
N GLN A 33 2.05 -20.83 -18.30
CA GLN A 33 3.09 -20.98 -17.29
C GLN A 33 3.10 -19.77 -16.36
N LEU A 34 2.95 -18.58 -16.93
CA LEU A 34 2.94 -17.35 -16.14
C LEU A 34 1.78 -17.33 -15.17
N GLY A 35 0.56 -17.57 -15.68
CA GLY A 35 -0.61 -17.59 -14.83
C GLY A 35 -0.43 -18.61 -13.72
N GLY A 36 0.15 -19.77 -14.06
CA GLY A 36 0.40 -20.82 -13.09
C GLY A 36 1.26 -20.34 -11.92
N LEU A 37 2.34 -19.63 -12.24
CA LEU A 37 3.25 -19.09 -11.23
C LEU A 37 2.66 -17.91 -10.46
N ALA A 38 1.87 -17.09 -11.16
CA ALA A 38 1.26 -15.91 -10.55
C ALA A 38 -0.08 -16.27 -9.90
N GLN A 39 -0.58 -17.46 -10.23
CA GLN A 39 -1.87 -17.93 -9.75
C GLN A 39 -2.94 -16.95 -10.18
N VAL A 40 -3.02 -16.81 -11.50
CA VAL A 40 -3.98 -15.98 -12.17
C VAL A 40 -4.25 -16.69 -13.47
N THR A 41 -5.43 -16.49 -14.06
CA THR A 41 -5.77 -17.17 -15.30
C THR A 41 -4.85 -16.78 -16.44
N ALA A 42 -4.48 -17.76 -17.27
CA ALA A 42 -3.61 -17.49 -18.41
C ALA A 42 -4.27 -16.37 -19.22
N PHE A 43 -5.60 -16.39 -19.26
CA PHE A 43 -6.36 -15.38 -19.98
C PHE A 43 -6.06 -14.00 -19.39
N GLN A 44 -6.07 -13.89 -18.07
CA GLN A 44 -5.79 -12.61 -17.40
C GLN A 44 -4.38 -12.10 -17.72
N VAL A 45 -3.39 -13.01 -17.69
CA VAL A 45 -2.01 -12.62 -17.99
C VAL A 45 -1.95 -12.03 -19.40
N ARG A 46 -2.50 -12.75 -20.39
CA ARG A 46 -2.52 -12.27 -21.78
C ARG A 46 -3.17 -10.90 -21.84
N LYS A 47 -4.25 -10.74 -21.07
CA LYS A 47 -4.99 -9.49 -21.07
C LYS A 47 -4.17 -8.33 -20.48
N ASP A 48 -3.52 -8.57 -19.34
CA ASP A 48 -2.71 -7.53 -18.73
C ASP A 48 -1.56 -7.12 -19.64
N LEU A 49 -0.85 -8.10 -20.17
CA LEU A 49 0.27 -7.81 -21.05
C LEU A 49 -0.13 -6.97 -22.27
N SER A 50 -1.26 -7.35 -22.90
CA SER A 50 -1.79 -6.63 -24.06
C SER A 50 -2.20 -5.23 -23.59
N TYR A 51 -2.86 -5.18 -22.43
CA TYR A 51 -3.30 -3.91 -21.85
C TYR A 51 -2.15 -2.92 -21.78
N PHE A 52 -0.94 -3.46 -21.54
CA PHE A 52 0.26 -2.64 -21.46
C PHE A 52 1.11 -2.61 -22.73
N GLY A 53 0.61 -3.17 -23.82
CA GLY A 53 1.35 -3.15 -25.07
C GLY A 53 2.23 -4.35 -25.47
N SER A 54 2.31 -5.38 -24.62
CA SER A 54 3.12 -6.57 -24.92
C SER A 54 2.21 -7.66 -25.42
N TYR A 55 2.20 -7.86 -26.73
CA TYR A 55 1.32 -8.85 -27.35
C TYR A 55 2.02 -10.21 -27.42
N GLY A 56 1.23 -11.28 -27.40
CA GLY A 56 1.82 -12.61 -27.41
C GLY A 56 2.24 -13.11 -28.79
N THR A 57 2.84 -14.30 -28.75
CA THR A 57 3.28 -15.06 -29.90
C THR A 57 2.68 -16.41 -29.64
N ARG A 58 1.37 -16.50 -29.88
CA ARG A 58 0.57 -17.69 -29.61
C ARG A 58 1.23 -19.00 -29.99
N GLY A 59 1.18 -19.97 -29.07
CA GLY A 59 1.77 -21.27 -29.34
C GLY A 59 3.30 -21.27 -29.25
N VAL A 60 3.87 -20.09 -29.04
CA VAL A 60 5.31 -19.98 -28.92
C VAL A 60 5.67 -19.46 -27.52
N GLY A 61 4.90 -18.46 -27.05
CA GLY A 61 5.11 -17.88 -25.74
C GLY A 61 5.90 -16.57 -25.79
N TYR A 62 5.95 -15.87 -24.67
CA TYR A 62 6.70 -14.63 -24.63
C TYR A 62 8.17 -14.96 -24.44
N THR A 63 9.04 -14.18 -25.09
CA THR A 63 10.46 -14.35 -24.93
C THR A 63 10.79 -13.69 -23.59
N VAL A 64 11.20 -14.50 -22.61
CA VAL A 64 11.46 -14.05 -21.25
C VAL A 64 12.30 -12.79 -21.07
N PRO A 65 13.52 -12.77 -21.59
CA PRO A 65 14.34 -11.55 -21.43
C PRO A 65 13.75 -10.34 -22.14
N VAL A 66 13.04 -10.57 -23.25
CA VAL A 66 12.44 -9.46 -23.98
C VAL A 66 11.26 -8.87 -23.18
N LEU A 67 10.36 -9.72 -22.71
CA LEU A 67 9.21 -9.31 -21.92
C LEU A 67 9.69 -8.61 -20.63
N LYS A 68 10.67 -9.23 -19.98
CA LYS A 68 11.23 -8.67 -18.73
C LYS A 68 11.70 -7.25 -18.97
N ARG A 69 12.42 -7.05 -20.08
CA ARG A 69 12.92 -5.73 -20.43
C ARG A 69 11.77 -4.72 -20.66
N GLU A 70 10.74 -5.14 -21.40
CA GLU A 70 9.59 -4.27 -21.65
C GLU A 70 8.88 -3.87 -20.35
N LEU A 71 8.74 -4.82 -19.44
CA LEU A 71 8.07 -4.51 -18.20
C LEU A 71 8.92 -3.52 -17.39
N ARG A 72 10.22 -3.76 -17.36
CA ARG A 72 11.12 -2.88 -16.65
C ARG A 72 11.06 -1.47 -17.24
N HIS A 73 10.99 -1.39 -18.58
CA HIS A 73 10.93 -0.10 -19.24
C HIS A 73 9.63 0.67 -19.00
N ILE A 74 8.48 0.01 -19.13
CA ILE A 74 7.24 0.73 -18.92
C ILE A 74 7.09 1.16 -17.47
N LEU A 75 7.62 0.36 -16.55
CA LEU A 75 7.55 0.64 -15.13
C LEU A 75 8.60 1.64 -14.68
N GLY A 76 9.52 1.96 -15.57
CA GLY A 76 10.57 2.89 -15.23
C GLY A 76 11.64 2.32 -14.31
N LEU A 77 11.63 0.99 -14.13
CA LEU A 77 12.60 0.37 -13.24
C LEU A 77 14.02 0.27 -13.77
N ASN A 78 14.19 0.57 -15.04
CA ASN A 78 15.52 0.51 -15.66
C ASN A 78 16.25 1.83 -15.47
N ARG A 79 15.60 2.75 -14.77
CA ARG A 79 16.17 4.06 -14.53
C ARG A 79 16.60 4.17 -13.07
N LYS A 80 17.33 5.23 -12.78
CA LYS A 80 17.78 5.52 -11.45
C LYS A 80 17.06 6.81 -11.07
N TRP A 81 16.05 6.72 -10.22
CA TRP A 81 15.27 7.90 -9.82
C TRP A 81 15.86 8.52 -8.57
N GLY A 82 15.88 9.85 -8.54
CA GLY A 82 16.39 10.55 -7.38
C GLY A 82 15.22 10.87 -6.47
N LEU A 83 15.36 10.57 -5.18
CA LEU A 83 14.26 10.84 -4.24
C LEU A 83 14.76 11.68 -3.07
N CYS A 84 13.80 12.19 -2.34
CA CYS A 84 14.05 12.96 -1.14
C CYS A 84 12.90 12.69 -0.19
N ILE A 85 13.16 12.93 1.07
CA ILE A 85 12.11 12.78 2.08
C ILE A 85 11.91 14.21 2.60
N VAL A 86 10.66 14.66 2.64
CA VAL A 86 10.33 15.99 3.15
C VAL A 86 9.50 15.80 4.42
N GLY A 87 10.12 16.09 5.56
CA GLY A 87 9.47 15.92 6.85
C GLY A 87 10.19 14.77 7.53
N MET A 88 11.33 15.09 8.13
CA MET A 88 12.14 14.08 8.78
C MET A 88 11.77 13.86 10.23
N GLY A 89 10.47 13.63 10.45
CA GLY A 89 10.01 13.36 11.79
C GLY A 89 10.22 11.88 12.07
N ARG A 90 9.29 11.30 12.83
CA ARG A 90 9.39 9.90 13.17
C ARG A 90 9.21 8.99 11.94
N LEU A 91 8.18 9.22 11.14
CA LEU A 91 7.98 8.40 9.95
C LEU A 91 9.06 8.65 8.92
N GLY A 92 9.39 9.92 8.69
CA GLY A 92 10.41 10.23 7.72
C GLY A 92 11.75 9.63 8.10
N SER A 93 12.16 9.73 9.37
CA SER A 93 13.44 9.18 9.80
C SER A 93 13.44 7.65 9.67
N ALA A 94 12.31 7.02 10.01
CA ALA A 94 12.24 5.57 9.88
C ALA A 94 12.38 5.16 8.40
N LEU A 95 11.79 5.94 7.49
CA LEU A 95 11.88 5.59 6.08
C LEU A 95 13.31 5.73 5.53
N ALA A 96 14.06 6.69 6.05
CA ALA A 96 15.43 6.91 5.61
C ALA A 96 16.28 5.66 5.89
N ASP A 97 15.94 4.89 6.91
CA ASP A 97 16.67 3.67 7.26
C ASP A 97 16.04 2.39 6.72
N TYR A 98 14.87 2.51 6.07
CA TYR A 98 14.19 1.31 5.56
C TYR A 98 14.95 0.78 4.34
N PRO A 99 15.38 -0.51 4.39
CA PRO A 99 16.16 -1.09 3.29
C PRO A 99 15.36 -1.62 2.09
N GLY A 100 14.19 -1.04 1.84
CA GLY A 100 13.39 -1.49 0.72
C GLY A 100 13.30 -0.61 -0.51
N PHE A 101 14.26 0.29 -0.72
CA PHE A 101 14.18 1.14 -1.90
C PHE A 101 14.64 0.48 -3.21
N GLY A 102 15.63 -0.41 -3.13
CA GLY A 102 16.07 -1.05 -4.36
C GLY A 102 17.04 -0.14 -5.10
N GLU A 103 17.53 -0.59 -6.24
CA GLU A 103 18.49 0.19 -6.99
C GLU A 103 17.89 1.23 -7.91
N SER A 104 16.61 1.09 -8.22
CA SER A 104 15.95 2.05 -9.10
C SER A 104 15.60 3.36 -8.39
N PHE A 105 15.54 3.36 -7.06
CA PHE A 105 15.17 4.57 -6.33
C PHE A 105 16.23 4.98 -5.31
N GLU A 106 16.91 6.08 -5.59
CA GLU A 106 17.99 6.51 -4.72
C GLU A 106 17.71 7.80 -3.95
N LEU A 107 17.73 7.73 -2.62
CA LEU A 107 17.51 8.90 -1.79
C LEU A 107 18.70 9.84 -1.92
N ARG A 108 18.44 11.10 -2.28
CA ARG A 108 19.51 12.08 -2.43
C ARG A 108 19.27 13.38 -1.66
N GLY A 109 18.25 13.41 -0.81
CA GLY A 109 17.96 14.62 -0.03
C GLY A 109 17.00 14.36 1.12
N PHE A 110 17.18 15.07 2.22
CA PHE A 110 16.35 14.93 3.41
C PHE A 110 16.14 16.36 3.91
N PHE A 111 14.87 16.75 3.99
CA PHE A 111 14.52 18.10 4.36
C PHE A 111 13.55 18.22 5.52
N ASP A 112 13.62 19.35 6.22
CA ASP A 112 12.75 19.59 7.34
C ASP A 112 12.73 21.09 7.64
N VAL A 113 11.75 21.55 8.39
CA VAL A 113 11.64 22.97 8.70
C VAL A 113 12.17 23.27 10.12
N ASP A 114 12.38 22.22 10.90
CA ASP A 114 12.83 22.33 12.27
C ASP A 114 14.35 22.48 12.32
N PRO A 115 14.84 23.64 12.81
CA PRO A 115 16.30 23.81 12.88
C PRO A 115 17.00 22.82 13.82
N GLU A 116 16.27 22.24 14.76
CA GLU A 116 16.86 21.25 15.67
C GLU A 116 17.17 19.97 14.89
N LYS A 117 16.54 19.80 13.73
CA LYS A 117 16.77 18.60 12.92
C LYS A 117 17.72 18.88 11.75
N VAL A 118 17.64 20.08 11.21
CA VAL A 118 18.51 20.45 10.10
C VAL A 118 19.98 20.32 10.56
N GLY A 119 20.78 19.61 9.78
CA GLY A 119 22.19 19.42 10.12
C GLY A 119 22.44 18.04 10.71
N ARG A 120 21.38 17.34 11.02
CA ARG A 120 21.51 16.00 11.57
C ARG A 120 21.92 15.01 10.49
N PRO A 121 22.97 14.23 10.74
CA PRO A 121 23.35 13.26 9.71
C PRO A 121 22.36 12.12 9.75
N VAL A 122 22.13 11.51 8.59
CA VAL A 122 21.22 10.37 8.48
C VAL A 122 21.83 9.41 7.45
N ARG A 123 21.26 8.21 7.34
CA ARG A 123 21.79 7.26 6.40
C ARG A 123 21.91 7.85 5.00
N GLY A 124 23.13 7.91 4.49
CA GLY A 124 23.38 8.45 3.16
C GLY A 124 23.24 9.96 2.99
N GLY A 125 23.26 10.73 4.08
CA GLY A 125 23.16 12.16 3.90
C GLY A 125 23.03 12.98 5.17
N VAL A 126 22.48 14.18 5.03
CA VAL A 126 22.29 15.10 6.16
C VAL A 126 20.98 15.86 5.97
N ILE A 127 20.30 16.15 7.07
CA ILE A 127 19.04 16.87 6.94
C ILE A 127 19.29 18.34 6.59
N GLU A 128 18.68 18.78 5.49
CA GLU A 128 18.81 20.17 5.07
C GLU A 128 17.49 20.88 5.28
N HIS A 129 17.55 22.21 5.34
CA HIS A 129 16.34 22.97 5.53
C HIS A 129 15.49 22.93 4.29
N VAL A 130 14.18 22.79 4.50
CA VAL A 130 13.24 22.72 3.41
C VAL A 130 13.30 23.95 2.50
N ASP A 131 13.81 25.07 3.00
CA ASP A 131 13.89 26.25 2.15
C ASP A 131 14.92 26.05 1.01
N LEU A 132 15.70 24.98 1.06
CA LEU A 132 16.71 24.72 0.01
C LEU A 132 16.21 23.89 -1.15
N LEU A 133 14.96 23.46 -1.10
CA LEU A 133 14.43 22.65 -2.19
C LEU A 133 14.77 23.17 -3.58
N PRO A 134 14.52 24.47 -3.84
CA PRO A 134 14.83 24.95 -5.18
C PRO A 134 16.30 24.89 -5.56
N GLN A 135 17.19 24.81 -4.58
CA GLN A 135 18.60 24.71 -4.89
C GLN A 135 19.03 23.24 -4.96
N ARG A 136 18.15 22.31 -4.57
CA ARG A 136 18.51 20.89 -4.55
C ARG A 136 17.75 19.94 -5.44
N VAL A 137 16.53 20.29 -5.79
CA VAL A 137 15.71 19.39 -6.58
C VAL A 137 16.01 19.35 -8.08
N PRO A 138 16.03 20.51 -8.75
CA PRO A 138 16.29 20.57 -10.19
C PRO A 138 17.44 19.66 -10.64
N GLY A 139 17.14 18.82 -11.63
CA GLY A 139 18.12 17.89 -12.18
C GLY A 139 18.68 16.82 -11.27
N ARG A 140 18.18 16.73 -10.03
CA ARG A 140 18.71 15.72 -9.10
C ARG A 140 17.65 14.85 -8.43
N ILE A 141 16.52 15.48 -8.11
CA ILE A 141 15.46 14.78 -7.42
C ILE A 141 14.12 14.88 -8.14
N GLU A 142 13.58 13.71 -8.50
CA GLU A 142 12.31 13.66 -9.23
C GLU A 142 11.12 13.27 -8.34
N ILE A 143 11.38 12.48 -7.29
CA ILE A 143 10.29 12.02 -6.44
C ILE A 143 10.51 12.36 -4.98
N ALA A 144 9.46 12.84 -4.32
CA ALA A 144 9.55 13.17 -2.91
C ALA A 144 8.59 12.35 -2.09
N LEU A 145 9.10 11.88 -0.95
CA LEU A 145 8.27 11.17 -0.01
C LEU A 145 7.77 12.28 0.94
N LEU A 146 6.46 12.58 0.96
CA LEU A 146 5.95 13.65 1.83
C LEU A 146 5.48 13.09 3.18
N THR A 147 6.23 13.38 4.23
CA THR A 147 5.92 12.88 5.56
C THR A 147 5.85 13.99 6.60
N VAL A 148 5.22 15.11 6.24
CA VAL A 148 5.02 16.22 7.18
C VAL A 148 3.59 16.12 7.71
N PRO A 149 3.26 16.81 8.81
CA PRO A 149 1.89 16.71 9.31
C PRO A 149 0.92 17.25 8.25
N ARG A 150 -0.30 16.76 8.32
CA ARG A 150 -1.32 17.15 7.37
C ARG A 150 -1.53 18.63 7.33
N GLU A 151 -1.33 19.29 8.47
CA GLU A 151 -1.54 20.73 8.53
C GLU A 151 -0.67 21.48 7.53
N ALA A 152 0.51 20.93 7.23
CA ALA A 152 1.45 21.59 6.31
C ALA A 152 1.65 20.87 4.96
N ALA A 153 0.96 19.75 4.77
CA ALA A 153 1.16 18.97 3.54
C ALA A 153 0.95 19.71 2.23
N GLN A 154 -0.14 20.45 2.11
CA GLN A 154 -0.41 21.17 0.87
C GLN A 154 0.67 22.23 0.62
N LYS A 155 1.11 22.86 1.69
CA LYS A 155 2.12 23.90 1.58
C LYS A 155 3.44 23.26 1.14
N ALA A 156 3.80 22.16 1.79
CA ALA A 156 5.03 21.46 1.44
C ALA A 156 4.97 21.00 -0.03
N ALA A 157 3.78 20.57 -0.47
CA ALA A 157 3.63 20.11 -1.84
C ALA A 157 3.81 21.27 -2.83
N ASP A 158 3.22 22.42 -2.51
CA ASP A 158 3.35 23.60 -3.37
C ASP A 158 4.85 23.96 -3.50
N LEU A 159 5.59 23.84 -2.40
CA LEU A 159 7.02 24.12 -2.44
C LEU A 159 7.75 23.08 -3.31
N LEU A 160 7.36 21.81 -3.20
CA LEU A 160 7.97 20.74 -3.99
C LEU A 160 7.69 21.00 -5.46
N VAL A 161 6.42 21.25 -5.80
CA VAL A 161 6.03 21.55 -7.17
C VAL A 161 6.88 22.74 -7.67
N ALA A 162 6.93 23.82 -6.89
CA ALA A 162 7.72 25.00 -7.28
C ALA A 162 9.19 24.64 -7.51
N ALA A 163 9.73 23.73 -6.69
CA ALA A 163 11.13 23.34 -6.82
C ALA A 163 11.37 22.42 -8.02
N GLY A 164 10.29 21.97 -8.65
CA GLY A 164 10.42 21.12 -9.83
C GLY A 164 10.20 19.63 -9.61
N ILE A 165 9.56 19.26 -8.51
CA ILE A 165 9.34 17.83 -8.27
C ILE A 165 8.47 17.24 -9.39
N LYS A 166 8.63 15.95 -9.65
CA LYS A 166 7.85 15.29 -10.69
C LYS A 166 6.82 14.34 -10.10
N GLY A 167 7.08 13.84 -8.90
CA GLY A 167 6.11 12.95 -8.31
C GLY A 167 6.16 13.01 -6.81
N ILE A 168 5.03 12.74 -6.16
CA ILE A 168 4.98 12.76 -4.71
C ILE A 168 4.31 11.51 -4.14
N LEU A 169 5.07 10.80 -3.33
CA LEU A 169 4.54 9.67 -2.58
C LEU A 169 4.05 10.31 -1.29
N ASN A 170 2.76 10.59 -1.20
CA ASN A 170 2.16 11.30 -0.09
C ASN A 170 1.70 10.44 1.08
N PHE A 171 2.32 10.64 2.24
CA PHE A 171 1.93 9.87 3.42
C PHE A 171 0.93 10.62 4.30
N ALA A 172 0.86 11.95 4.17
CA ALA A 172 -0.05 12.76 4.97
C ALA A 172 -1.49 12.40 4.61
N PRO A 173 -2.39 12.36 5.61
CA PRO A 173 -3.79 12.00 5.32
C PRO A 173 -4.65 13.15 4.80
N VAL A 174 -4.30 13.62 3.61
CA VAL A 174 -5.03 14.70 2.96
C VAL A 174 -4.96 14.41 1.47
N VAL A 175 -5.76 15.12 0.69
CA VAL A 175 -5.71 14.97 -0.75
C VAL A 175 -5.00 16.23 -1.25
N LEU A 176 -3.82 16.06 -1.84
CA LEU A 176 -3.06 17.19 -2.32
C LEU A 176 -3.59 17.75 -3.64
N GLU A 177 -3.38 19.05 -3.82
CA GLU A 177 -3.77 19.75 -5.03
C GLU A 177 -2.47 20.11 -5.72
N VAL A 178 -2.24 19.55 -6.91
CA VAL A 178 -1.02 19.83 -7.65
C VAL A 178 -1.33 19.90 -9.13
N PRO A 179 -0.43 20.49 -9.91
CA PRO A 179 -0.68 20.57 -11.36
C PRO A 179 -0.78 19.13 -11.88
N LYS A 180 -1.57 18.92 -12.92
CA LYS A 180 -1.77 17.58 -13.51
C LYS A 180 -0.46 16.90 -13.94
N GLU A 181 0.57 17.68 -14.24
CA GLU A 181 1.85 17.13 -14.67
C GLU A 181 2.61 16.50 -13.50
N VAL A 182 2.16 16.76 -12.28
CA VAL A 182 2.84 16.18 -11.14
C VAL A 182 2.09 14.97 -10.62
N ALA A 183 2.74 13.81 -10.67
CA ALA A 183 2.12 12.58 -10.20
C ALA A 183 2.08 12.52 -8.66
N VAL A 184 1.03 11.94 -8.11
CA VAL A 184 0.88 11.80 -6.66
C VAL A 184 0.26 10.44 -6.34
N GLU A 185 0.81 9.73 -5.38
CA GLU A 185 0.25 8.45 -4.91
C GLU A 185 0.08 8.58 -3.41
N ASN A 186 -1.10 8.29 -2.88
CA ASN A 186 -1.34 8.38 -1.46
C ASN A 186 -1.13 7.01 -0.87
N VAL A 187 -0.39 6.93 0.22
CA VAL A 187 -0.15 5.64 0.83
C VAL A 187 -0.83 5.52 2.17
N ASP A 188 -1.33 4.32 2.46
CA ASP A 188 -1.97 4.05 3.75
C ASP A 188 -1.98 2.53 3.96
N PHE A 189 -2.15 2.12 5.22
CA PHE A 189 -2.20 0.71 5.56
C PHE A 189 -3.64 0.29 5.88
N LEU A 190 -4.60 1.19 5.70
CA LEU A 190 -5.98 0.85 6.00
C LEU A 190 -6.52 -0.33 5.20
N ALA A 191 -6.10 -0.44 3.94
CA ALA A 191 -6.58 -1.56 3.14
C ALA A 191 -6.05 -2.86 3.73
N GLY A 192 -4.80 -2.85 4.19
CA GLY A 192 -4.22 -4.04 4.79
C GLY A 192 -4.97 -4.40 6.09
N LEU A 193 -5.30 -3.39 6.88
CA LEU A 193 -6.03 -3.60 8.12
C LEU A 193 -7.40 -4.19 7.84
N THR A 194 -8.01 -3.72 6.76
CA THR A 194 -9.33 -4.19 6.38
C THR A 194 -9.26 -5.62 5.87
N ARG A 195 -8.24 -5.96 5.07
CA ARG A 195 -8.10 -7.33 4.61
C ARG A 195 -7.91 -8.24 5.86
N LEU A 196 -7.23 -7.74 6.90
CA LEU A 196 -7.04 -8.56 8.12
C LEU A 196 -8.39 -8.79 8.78
N SER A 197 -9.17 -7.70 8.87
CA SER A 197 -10.50 -7.75 9.45
C SER A 197 -11.32 -8.82 8.75
N PHE A 198 -11.34 -8.78 7.43
CA PHE A 198 -12.13 -9.75 6.70
C PHE A 198 -11.63 -11.17 6.94
N ALA A 199 -10.31 -11.35 6.91
CA ALA A 199 -9.70 -12.66 7.11
C ALA A 199 -9.96 -13.27 8.48
N ILE A 200 -9.94 -12.44 9.52
CA ILE A 200 -10.20 -12.90 10.87
C ILE A 200 -11.65 -13.39 10.99
N LEU A 201 -12.57 -12.71 10.31
CA LEU A 201 -13.97 -13.11 10.34
C LEU A 201 -14.25 -14.31 9.43
N ASN A 202 -13.43 -14.49 8.41
CA ASN A 202 -13.61 -15.57 7.45
C ASN A 202 -12.27 -16.26 7.26
N PRO A 203 -11.80 -16.95 8.30
CA PRO A 203 -10.52 -17.64 8.28
C PRO A 203 -10.23 -18.65 7.16
N LYS A 204 -11.26 -19.30 6.64
CA LYS A 204 -11.03 -20.30 5.61
C LYS A 204 -11.38 -19.86 4.21
N TRP A 205 -11.86 -18.63 4.07
CA TRP A 205 -12.25 -18.13 2.76
C TRP A 205 -11.04 -17.85 1.88
N ARG A 206 -11.20 -18.13 0.59
CA ARG A 206 -10.18 -17.93 -0.44
C ARG A 206 -10.94 -17.43 -1.65
N GLU A 207 -10.35 -16.50 -2.39
CA GLU A 207 -11.08 -15.93 -3.52
C GLU A 207 -11.42 -16.92 -4.64
N GLU A 208 -10.72 -18.07 -4.67
CA GLU A 208 -11.00 -19.06 -5.71
C GLU A 208 -12.46 -19.52 -5.58
N MET A 209 -12.97 -19.49 -4.35
CA MET A 209 -14.35 -19.89 -4.08
C MET A 209 -15.30 -19.05 -4.92
N MET A 210 -14.84 -17.88 -5.37
CA MET A 210 -15.68 -17.02 -6.20
C MET A 210 -15.77 -17.53 -7.64
N GLY A 211 -14.85 -18.42 -8.00
CA GLY A 211 -14.82 -18.94 -9.36
C GLY A 211 -14.53 -17.82 -10.35
N MET B 1 5.41 -15.35 -4.45
CA MET B 1 5.60 -15.09 -5.91
C MET B 1 4.25 -14.89 -6.61
N LYS B 2 3.19 -15.47 -6.04
CA LYS B 2 1.84 -15.37 -6.60
C LYS B 2 1.23 -13.98 -6.38
N VAL B 3 0.25 -13.62 -7.21
CA VAL B 3 -0.43 -12.33 -7.04
C VAL B 3 -1.21 -12.49 -5.74
N PRO B 4 -1.14 -11.50 -4.82
CA PRO B 4 -1.89 -11.65 -3.56
C PRO B 4 -3.38 -11.63 -3.85
N GLU B 5 -4.16 -12.21 -2.95
CA GLU B 5 -5.61 -12.23 -3.09
C GLU B 5 -6.08 -10.80 -3.33
N ALA B 6 -6.94 -10.62 -4.34
CA ALA B 6 -7.40 -9.29 -4.73
C ALA B 6 -8.88 -8.96 -4.54
N ALA B 7 -9.74 -9.97 -4.45
CA ALA B 7 -11.17 -9.75 -4.29
C ALA B 7 -11.48 -8.80 -3.16
N ILE B 8 -10.89 -9.02 -1.99
CA ILE B 8 -11.18 -8.13 -0.86
C ILE B 8 -10.66 -6.72 -1.12
N SER B 9 -9.54 -6.61 -1.83
CA SER B 9 -8.98 -5.30 -2.17
C SER B 9 -9.98 -4.58 -3.08
N ARG B 10 -10.60 -5.31 -4.00
CA ARG B 10 -11.59 -4.68 -4.87
C ARG B 10 -12.77 -4.14 -4.05
N LEU B 11 -13.25 -4.92 -3.07
CA LEU B 11 -14.36 -4.47 -2.25
C LEU B 11 -13.97 -3.18 -1.52
N ILE B 12 -12.74 -3.15 -1.00
CA ILE B 12 -12.23 -1.99 -0.30
C ILE B 12 -12.20 -0.81 -1.27
N THR B 13 -11.81 -1.06 -2.51
CA THR B 13 -11.79 0.02 -3.50
C THR B 13 -13.20 0.59 -3.73
N TYR B 14 -14.17 -0.32 -3.90
CA TYR B 14 -15.56 0.08 -4.14
C TYR B 14 -16.06 0.93 -2.98
N LEU B 15 -15.63 0.58 -1.78
CA LEU B 15 -16.05 1.31 -0.60
C LEU B 15 -15.49 2.73 -0.60
N ARG B 16 -14.23 2.89 -0.98
CA ARG B 16 -13.61 4.23 -1.05
C ARG B 16 -14.41 5.06 -2.03
N ILE B 17 -14.62 4.49 -3.22
CA ILE B 17 -15.39 5.14 -4.27
C ILE B 17 -16.77 5.56 -3.78
N LEU B 18 -17.47 4.64 -3.12
CA LEU B 18 -18.80 4.92 -2.59
C LEU B 18 -18.76 6.01 -1.54
N GLU B 19 -17.69 6.04 -0.74
CA GLU B 19 -17.56 7.06 0.29
C GLU B 19 -17.45 8.42 -0.38
N GLU B 20 -16.75 8.47 -1.52
CA GLU B 20 -16.59 9.74 -2.22
C GLU B 20 -17.82 10.07 -3.07
N LEU B 21 -18.48 9.05 -3.62
CA LEU B 21 -19.68 9.30 -4.38
C LEU B 21 -20.70 9.89 -3.39
N GLU B 22 -20.71 9.35 -2.18
CA GLU B 22 -21.62 9.81 -1.15
C GLU B 22 -21.25 11.23 -0.73
N ALA B 23 -19.95 11.54 -0.74
CA ALA B 23 -19.50 12.86 -0.36
C ALA B 23 -19.98 13.86 -1.42
N GLN B 24 -20.05 13.40 -2.66
CA GLN B 24 -20.48 14.22 -3.78
C GLN B 24 -22.01 14.30 -3.89
N GLY B 25 -22.71 13.89 -2.84
CA GLY B 25 -24.16 13.93 -2.87
C GLY B 25 -24.82 12.87 -3.73
N VAL B 26 -24.03 12.09 -4.47
CA VAL B 26 -24.58 11.04 -5.34
C VAL B 26 -25.34 10.03 -4.47
N HIS B 27 -26.59 9.77 -4.83
CA HIS B 27 -27.39 8.84 -4.04
C HIS B 27 -27.53 7.47 -4.69
N ARG B 28 -27.36 7.40 -6.00
CA ARG B 28 -27.48 6.12 -6.68
C ARG B 28 -26.32 5.90 -7.65
N THR B 29 -25.91 4.65 -7.85
CA THR B 29 -24.83 4.36 -8.78
C THR B 29 -25.08 3.06 -9.54
N SER B 30 -24.17 2.71 -10.46
CA SER B 30 -24.33 1.51 -11.26
C SER B 30 -23.04 0.70 -11.28
N SER B 31 -23.12 -0.51 -11.79
CA SER B 31 -21.96 -1.38 -11.87
C SER B 31 -20.99 -0.79 -12.88
N GLU B 32 -21.54 -0.08 -13.86
CA GLU B 32 -20.74 0.54 -14.88
C GLU B 32 -19.98 1.74 -14.31
N GLN B 33 -20.69 2.59 -13.59
CA GLN B 33 -20.04 3.75 -12.98
C GLN B 33 -19.00 3.28 -11.97
N LEU B 34 -19.35 2.29 -11.15
CA LEU B 34 -18.41 1.76 -10.15
C LEU B 34 -17.22 1.12 -10.86
N GLY B 35 -17.49 0.33 -11.89
CA GLY B 35 -16.43 -0.34 -12.61
C GLY B 35 -15.42 0.64 -13.18
N GLY B 36 -15.93 1.77 -13.66
CA GLY B 36 -15.07 2.79 -14.24
C GLY B 36 -14.21 3.44 -13.18
N LEU B 37 -14.84 3.90 -12.10
CA LEU B 37 -14.10 4.54 -11.03
C LEU B 37 -13.07 3.62 -10.37
N ALA B 38 -13.30 2.31 -10.39
CA ALA B 38 -12.37 1.37 -9.78
C ALA B 38 -11.49 0.71 -10.82
N GLN B 39 -11.67 1.10 -12.08
CA GLN B 39 -10.90 0.55 -13.18
C GLN B 39 -11.07 -0.96 -13.34
N VAL B 40 -12.32 -1.42 -13.23
CA VAL B 40 -12.63 -2.82 -13.40
C VAL B 40 -13.90 -2.88 -14.25
N THR B 41 -14.05 -3.91 -15.07
CA THR B 41 -15.22 -4.04 -15.93
C THR B 41 -16.51 -4.09 -15.12
N ALA B 42 -17.58 -3.55 -15.69
CA ALA B 42 -18.88 -3.55 -15.04
C ALA B 42 -19.20 -5.00 -14.64
N PHE B 43 -18.79 -5.93 -15.49
CA PHE B 43 -18.99 -7.35 -15.26
C PHE B 43 -18.34 -7.82 -13.95
N GLN B 44 -17.09 -7.40 -13.73
CA GLN B 44 -16.38 -7.80 -12.52
C GLN B 44 -17.11 -7.25 -11.32
N VAL B 45 -17.56 -6.00 -11.41
CA VAL B 45 -18.28 -5.41 -10.29
C VAL B 45 -19.55 -6.22 -9.94
N ARG B 46 -20.34 -6.58 -10.95
CA ARG B 46 -21.55 -7.37 -10.72
C ARG B 46 -21.22 -8.74 -10.16
N LYS B 47 -20.21 -9.40 -10.72
CA LYS B 47 -19.82 -10.71 -10.24
C LYS B 47 -19.42 -10.62 -8.75
N ASP B 48 -18.63 -9.60 -8.41
CA ASP B 48 -18.18 -9.43 -7.03
C ASP B 48 -19.33 -9.15 -6.06
N LEU B 49 -20.16 -8.18 -6.39
CA LEU B 49 -21.26 -7.79 -5.51
C LEU B 49 -22.38 -8.85 -5.44
N SER B 50 -22.47 -9.67 -6.48
CA SER B 50 -23.47 -10.73 -6.50
C SER B 50 -22.96 -11.80 -5.51
N TYR B 51 -21.71 -12.23 -5.70
CA TYR B 51 -21.14 -13.22 -4.81
C TYR B 51 -21.32 -12.86 -3.35
N PHE B 52 -21.06 -11.60 -3.00
CA PHE B 52 -21.21 -11.18 -1.61
C PHE B 52 -22.60 -10.72 -1.20
N GLY B 53 -23.60 -10.96 -2.04
CA GLY B 53 -24.99 -10.66 -1.75
C GLY B 53 -25.49 -9.21 -1.84
N SER B 54 -24.74 -8.28 -2.41
CA SER B 54 -25.23 -6.90 -2.50
C SER B 54 -25.86 -6.56 -3.86
N TYR B 55 -25.92 -7.53 -4.76
CA TYR B 55 -26.52 -7.26 -6.06
C TYR B 55 -28.04 -7.44 -6.02
N GLY B 56 -28.76 -6.55 -6.71
CA GLY B 56 -30.21 -6.64 -6.73
C GLY B 56 -30.70 -7.39 -7.96
N THR B 57 -30.77 -6.69 -9.08
CA THR B 57 -31.22 -7.28 -10.33
C THR B 57 -30.60 -6.50 -11.49
N ARG B 58 -30.41 -7.17 -12.62
CA ARG B 58 -29.83 -6.53 -13.79
C ARG B 58 -30.49 -5.19 -14.13
N GLY B 59 -29.73 -4.10 -13.95
CA GLY B 59 -30.25 -2.78 -14.27
C GLY B 59 -30.70 -1.89 -13.11
N VAL B 60 -30.94 -2.50 -11.95
CA VAL B 60 -31.38 -1.74 -10.78
C VAL B 60 -30.23 -0.91 -10.19
N GLY B 61 -28.99 -1.27 -10.55
CA GLY B 61 -27.85 -0.55 -10.03
C GLY B 61 -27.76 -0.70 -8.53
N TYR B 62 -27.31 0.35 -7.84
CA TYR B 62 -27.18 0.28 -6.40
C TYR B 62 -27.51 1.59 -5.73
N THR B 63 -27.88 1.51 -4.47
CA THR B 63 -28.16 2.70 -3.70
C THR B 63 -26.88 2.89 -2.86
N VAL B 64 -26.16 3.96 -3.17
CA VAL B 64 -24.91 4.30 -2.51
C VAL B 64 -24.86 4.03 -1.02
N PRO B 65 -25.73 4.68 -0.23
CA PRO B 65 -25.66 4.40 1.21
C PRO B 65 -25.97 2.97 1.61
N VAL B 66 -26.81 2.28 0.84
CA VAL B 66 -27.17 0.90 1.15
C VAL B 66 -25.96 0.02 0.93
N LEU B 67 -25.42 0.07 -0.28
CA LEU B 67 -24.24 -0.70 -0.62
C LEU B 67 -23.07 -0.40 0.33
N LYS B 68 -22.84 0.88 0.64
CA LYS B 68 -21.72 1.20 1.53
C LYS B 68 -21.86 0.50 2.87
N ARG B 69 -23.07 0.49 3.43
CA ARG B 69 -23.29 -0.18 4.71
C ARG B 69 -23.04 -1.67 4.56
N GLU B 70 -23.44 -2.23 3.43
CA GLU B 70 -23.24 -3.66 3.18
C GLU B 70 -21.78 -4.03 3.07
N LEU B 71 -21.03 -3.29 2.27
CA LEU B 71 -19.60 -3.56 2.13
C LEU B 71 -18.91 -3.44 3.48
N ARG B 72 -19.31 -2.46 4.29
CA ARG B 72 -18.70 -2.30 5.60
C ARG B 72 -18.99 -3.53 6.49
N HIS B 73 -20.20 -4.08 6.39
CA HIS B 73 -20.52 -5.26 7.21
C HIS B 73 -19.67 -6.46 6.78
N ILE B 74 -19.61 -6.68 5.47
CA ILE B 74 -18.83 -7.78 4.92
C ILE B 74 -17.36 -7.68 5.32
N LEU B 75 -16.82 -6.47 5.24
CA LEU B 75 -15.41 -6.26 5.54
C LEU B 75 -15.09 -6.26 7.03
N GLY B 76 -16.13 -6.24 7.86
CA GLY B 76 -15.95 -6.22 9.30
C GLY B 76 -15.70 -4.84 9.84
N LEU B 77 -16.05 -3.82 9.07
CA LEU B 77 -15.83 -2.44 9.51
C LEU B 77 -16.92 -1.91 10.44
N ASN B 78 -18.06 -2.59 10.49
CA ASN B 78 -19.13 -2.13 11.37
C ASN B 78 -18.87 -2.69 12.77
N ARG B 79 -17.68 -3.23 12.96
CA ARG B 79 -17.27 -3.76 14.25
C ARG B 79 -16.21 -2.80 14.80
N LYS B 80 -15.91 -2.88 16.08
CA LYS B 80 -14.85 -2.05 16.63
C LYS B 80 -13.74 -3.00 17.05
N TRP B 81 -12.65 -3.04 16.28
CA TRP B 81 -11.54 -3.93 16.58
C TRP B 81 -10.52 -3.31 17.53
N GLY B 82 -9.97 -4.13 18.43
CA GLY B 82 -8.97 -3.63 19.35
C GLY B 82 -7.58 -3.88 18.77
N LEU B 83 -6.76 -2.83 18.68
CA LEU B 83 -5.42 -3.00 18.13
C LEU B 83 -4.33 -2.67 19.14
N CYS B 84 -3.12 -3.03 18.82
CA CYS B 84 -1.98 -2.69 19.64
C CYS B 84 -0.81 -2.50 18.71
N ILE B 85 0.21 -1.81 19.21
CA ILE B 85 1.41 -1.61 18.42
C ILE B 85 2.50 -2.29 19.23
N VAL B 86 3.29 -3.13 18.56
CA VAL B 86 4.40 -3.80 19.22
C VAL B 86 5.66 -3.26 18.58
N GLY B 87 6.43 -2.49 19.35
CA GLY B 87 7.64 -1.90 18.82
C GLY B 87 7.35 -0.41 18.70
N MET B 88 7.47 0.28 19.83
CA MET B 88 7.21 1.71 19.88
C MET B 88 8.43 2.57 19.59
N GLY B 89 9.05 2.33 18.45
CA GLY B 89 10.19 3.11 18.04
C GLY B 89 9.64 4.26 17.20
N ARG B 90 10.41 4.67 16.20
CA ARG B 90 9.99 5.76 15.34
C ARG B 90 8.69 5.46 14.58
N LEU B 91 8.65 4.37 13.81
CA LEU B 91 7.44 4.04 13.06
C LEU B 91 6.28 3.77 14.02
N GLY B 92 6.54 2.99 15.06
CA GLY B 92 5.50 2.67 16.01
C GLY B 92 4.86 3.89 16.67
N SER B 93 5.69 4.87 17.03
CA SER B 93 5.18 6.08 17.67
C SER B 93 4.40 6.96 16.69
N ALA B 94 4.83 6.97 15.45
CA ALA B 94 4.14 7.74 14.40
C ALA B 94 2.74 7.13 14.25
N LEU B 95 2.67 5.81 14.22
CA LEU B 95 1.40 5.08 14.09
C LEU B 95 0.45 5.34 15.26
N ALA B 96 0.96 5.43 16.48
CA ALA B 96 0.11 5.68 17.64
C ALA B 96 -0.57 7.04 17.50
N ASP B 97 0.07 7.96 16.78
CA ASP B 97 -0.52 9.29 16.55
C ASP B 97 -1.24 9.44 15.20
N TYR B 98 -1.25 8.41 14.35
CA TYR B 98 -1.91 8.51 13.05
C TYR B 98 -3.39 8.80 13.29
N PRO B 99 -3.93 9.86 12.66
CA PRO B 99 -5.34 10.25 12.84
C PRO B 99 -6.37 9.55 11.98
N GLY B 100 -5.92 8.62 11.14
CA GLY B 100 -6.86 7.98 10.25
C GLY B 100 -7.32 6.56 10.52
N PHE B 101 -7.33 6.12 11.78
CA PHE B 101 -7.78 4.77 12.06
C PHE B 101 -9.30 4.64 11.96
N GLY B 102 -10.02 5.69 12.33
CA GLY B 102 -11.47 5.64 12.26
C GLY B 102 -12.09 4.87 13.42
N GLU B 103 -13.42 4.72 13.38
CA GLU B 103 -14.15 4.02 14.43
C GLU B 103 -13.96 2.52 14.43
N SER B 104 -13.66 1.93 13.29
CA SER B 104 -13.48 0.49 13.17
C SER B 104 -12.27 -0.09 13.90
N PHE B 105 -11.21 0.71 14.04
CA PHE B 105 -9.98 0.25 14.68
C PHE B 105 -9.58 1.14 15.84
N GLU B 106 -9.50 0.55 17.02
CA GLU B 106 -9.17 1.32 18.21
C GLU B 106 -7.93 0.76 18.88
N LEU B 107 -6.90 1.59 19.03
CA LEU B 107 -5.64 1.21 19.66
C LEU B 107 -5.83 1.04 21.16
N ARG B 108 -5.46 -0.13 21.70
CA ARG B 108 -5.65 -0.38 23.13
C ARG B 108 -4.42 -0.87 23.85
N GLY B 109 -3.27 -0.80 23.19
CA GLY B 109 -2.05 -1.26 23.82
C GLY B 109 -0.82 -0.86 23.02
N PHE B 110 0.25 -0.55 23.74
CA PHE B 110 1.51 -0.12 23.14
C PHE B 110 2.62 -0.85 23.89
N PHE B 111 3.43 -1.61 23.15
CA PHE B 111 4.48 -2.40 23.78
C PHE B 111 5.86 -2.27 23.16
N ASP B 112 6.88 -2.40 24.02
CA ASP B 112 8.27 -2.33 23.60
C ASP B 112 9.05 -3.12 24.64
N VAL B 113 10.36 -3.25 24.49
CA VAL B 113 11.18 -3.96 25.46
C VAL B 113 12.22 -3.03 26.06
N ASP B 114 12.32 -1.84 25.49
CA ASP B 114 13.28 -0.85 25.95
C ASP B 114 12.81 -0.20 27.25
N PRO B 115 13.58 -0.34 28.33
CA PRO B 115 13.17 0.25 29.61
C PRO B 115 12.97 1.78 29.53
N GLU B 116 13.63 2.43 28.59
CA GLU B 116 13.49 3.88 28.45
C GLU B 116 12.17 4.25 27.78
N LYS B 117 11.54 3.28 27.11
CA LYS B 117 10.26 3.51 26.45
C LYS B 117 9.12 3.08 27.36
N VAL B 118 9.29 1.91 27.98
CA VAL B 118 8.28 1.39 28.88
C VAL B 118 7.97 2.44 29.94
N GLY B 119 6.68 2.65 30.17
CA GLY B 119 6.25 3.64 31.14
C GLY B 119 6.04 5.01 30.52
N ARG B 120 6.47 5.20 29.28
CA ARG B 120 6.31 6.50 28.65
C ARG B 120 4.87 6.73 28.20
N PRO B 121 4.38 7.97 28.33
CA PRO B 121 3.01 8.29 27.93
C PRO B 121 2.87 8.42 26.41
N VAL B 122 1.72 7.96 25.91
CA VAL B 122 1.42 8.06 24.48
C VAL B 122 -0.07 8.30 24.31
N ARG B 123 -0.50 8.68 23.11
CA ARG B 123 -1.90 8.94 22.88
C ARG B 123 -2.74 7.75 23.31
N GLY B 124 -3.59 7.97 24.32
CA GLY B 124 -4.46 6.93 24.81
C GLY B 124 -3.89 5.94 25.81
N GLY B 125 -2.67 6.14 26.28
CA GLY B 125 -2.15 5.20 27.26
C GLY B 125 -0.70 5.36 27.62
N VAL B 126 -0.09 4.25 28.00
CA VAL B 126 1.32 4.27 28.37
C VAL B 126 1.95 3.01 27.77
N ILE B 127 3.20 3.13 27.35
CA ILE B 127 3.89 2.00 26.78
C ILE B 127 4.16 0.95 27.85
N GLU B 128 3.75 -0.29 27.58
CA GLU B 128 3.96 -1.36 28.54
C GLU B 128 4.99 -2.33 27.99
N HIS B 129 5.51 -3.18 28.86
CA HIS B 129 6.51 -4.14 28.44
C HIS B 129 5.84 -5.26 27.65
N VAL B 130 6.51 -5.71 26.62
CA VAL B 130 5.96 -6.76 25.78
C VAL B 130 5.60 -8.02 26.58
N ASP B 131 6.18 -8.16 27.78
CA ASP B 131 5.88 -9.32 28.62
C ASP B 131 4.42 -9.32 29.07
N LEU B 132 3.79 -8.15 29.03
CA LEU B 132 2.38 -8.01 29.43
C LEU B 132 1.33 -8.48 28.40
N LEU B 133 1.77 -8.80 27.19
CA LEU B 133 0.85 -9.26 26.13
C LEU B 133 -0.12 -10.36 26.56
N PRO B 134 0.39 -11.43 27.17
CA PRO B 134 -0.53 -12.50 27.58
C PRO B 134 -1.66 -12.03 28.51
N GLN B 135 -1.41 -10.95 29.24
CA GLN B 135 -2.40 -10.43 30.17
C GLN B 135 -3.09 -9.19 29.63
N ARG B 136 -2.87 -8.86 28.36
CA ARG B 136 -3.49 -7.68 27.76
C ARG B 136 -4.31 -7.99 26.52
N VAL B 137 -3.85 -8.97 25.75
CA VAL B 137 -4.50 -9.35 24.51
C VAL B 137 -5.87 -10.05 24.57
N PRO B 138 -5.97 -11.19 25.29
CA PRO B 138 -7.23 -11.92 25.40
C PRO B 138 -8.49 -11.09 25.63
N GLY B 139 -9.43 -11.22 24.70
CA GLY B 139 -10.67 -10.49 24.80
C GLY B 139 -10.64 -8.99 24.60
N ARG B 140 -9.46 -8.41 24.41
CA ARG B 140 -9.39 -6.96 24.25
C ARG B 140 -8.67 -6.48 22.99
N ILE B 141 -7.71 -7.25 22.51
CA ILE B 141 -6.93 -6.88 21.34
C ILE B 141 -6.85 -8.02 20.33
N GLU B 142 -7.39 -7.79 19.13
CA GLU B 142 -7.38 -8.82 18.10
C GLU B 142 -6.29 -8.65 17.04
N ILE B 143 -5.93 -7.41 16.74
CA ILE B 143 -4.94 -7.12 15.70
C ILE B 143 -3.69 -6.40 16.22
N ALA B 144 -2.52 -6.85 15.81
CA ALA B 144 -1.29 -6.22 16.26
C ALA B 144 -0.52 -5.60 15.10
N LEU B 145 -0.05 -4.38 15.28
CA LEU B 145 0.77 -3.69 14.27
C LEU B 145 2.22 -3.96 14.69
N LEU B 146 2.91 -4.77 13.90
CA LEU B 146 4.28 -5.15 14.21
C LEU B 146 5.29 -4.22 13.58
N THR B 147 5.91 -3.40 14.42
CA THR B 147 6.90 -2.43 13.97
C THR B 147 8.22 -2.56 14.74
N VAL B 148 8.74 -3.78 14.85
CA VAL B 148 10.03 -4.01 15.50
C VAL B 148 11.03 -4.24 14.38
N PRO B 149 12.34 -4.11 14.66
CA PRO B 149 13.33 -4.33 13.60
C PRO B 149 13.16 -5.75 13.02
N ARG B 150 13.63 -5.95 11.80
CA ARG B 150 13.55 -7.24 11.12
C ARG B 150 14.03 -8.40 11.98
N GLU B 151 15.23 -8.23 12.53
CA GLU B 151 15.85 -9.24 13.35
C GLU B 151 15.00 -9.72 14.52
N ALA B 152 14.13 -8.86 15.04
CA ALA B 152 13.31 -9.26 16.18
C ALA B 152 11.89 -9.64 15.83
N ALA B 153 11.51 -9.49 14.56
CA ALA B 153 10.12 -9.74 14.09
C ALA B 153 9.47 -11.09 14.40
N GLN B 154 10.10 -12.17 13.95
CA GLN B 154 9.54 -13.51 14.15
C GLN B 154 9.27 -13.83 15.61
N LYS B 155 10.22 -13.54 16.48
CA LYS B 155 10.01 -13.84 17.89
C LYS B 155 8.93 -12.95 18.50
N ALA B 156 8.82 -11.72 17.99
CA ALA B 156 7.78 -10.84 18.49
C ALA B 156 6.43 -11.45 18.07
N ALA B 157 6.38 -11.92 16.84
CA ALA B 157 5.16 -12.54 16.30
C ALA B 157 4.80 -13.78 17.12
N ASP B 158 5.81 -14.58 17.45
CA ASP B 158 5.59 -15.80 18.25
C ASP B 158 4.94 -15.42 19.57
N LEU B 159 5.45 -14.36 20.19
CA LEU B 159 4.88 -13.88 21.44
C LEU B 159 3.44 -13.44 21.26
N LEU B 160 3.14 -12.81 20.12
CA LEU B 160 1.78 -12.35 19.84
C LEU B 160 0.86 -13.54 19.65
N VAL B 161 1.33 -14.54 18.90
CA VAL B 161 0.51 -15.74 18.69
C VAL B 161 0.20 -16.34 20.05
N ALA B 162 1.25 -16.52 20.86
CA ALA B 162 1.09 -17.11 22.18
C ALA B 162 0.08 -16.36 23.04
N ALA B 163 0.12 -15.03 22.98
CA ALA B 163 -0.80 -14.23 23.78
C ALA B 163 -2.24 -14.25 23.27
N GLY B 164 -2.43 -14.76 22.06
CA GLY B 164 -3.77 -14.83 21.52
C GLY B 164 -4.17 -13.87 20.40
N ILE B 165 -3.19 -13.25 19.72
CA ILE B 165 -3.50 -12.33 18.64
C ILE B 165 -4.28 -13.08 17.55
N LYS B 166 -5.11 -12.36 16.79
CA LYS B 166 -5.89 -12.98 15.72
C LYS B 166 -5.33 -12.59 14.36
N GLY B 167 -4.71 -11.42 14.30
CA GLY B 167 -4.14 -10.95 13.06
C GLY B 167 -2.95 -10.03 13.31
N ILE B 168 -2.03 -10.00 12.36
CA ILE B 168 -0.87 -9.12 12.49
C ILE B 168 -0.65 -8.33 11.21
N LEU B 169 -0.60 -7.03 11.34
CA LEU B 169 -0.29 -6.14 10.25
C LEU B 169 1.21 -5.95 10.41
N ASN B 170 1.98 -6.66 9.59
CA ASN B 170 3.43 -6.71 9.67
C ASN B 170 4.15 -5.66 8.85
N PHE B 171 4.83 -4.72 9.52
CA PHE B 171 5.59 -3.71 8.78
C PHE B 171 7.05 -4.12 8.59
N ALA B 172 7.53 -5.04 9.41
CA ALA B 172 8.92 -5.50 9.30
C ALA B 172 9.17 -6.16 7.94
N PRO B 173 10.29 -5.83 7.29
CA PRO B 173 10.61 -6.41 5.98
C PRO B 173 11.05 -7.85 6.08
N VAL B 174 10.12 -8.73 6.47
CA VAL B 174 10.42 -10.14 6.61
C VAL B 174 9.11 -10.95 6.60
N VAL B 175 9.19 -12.20 6.14
CA VAL B 175 8.00 -13.04 6.11
C VAL B 175 7.90 -13.78 7.41
N LEU B 176 6.78 -13.60 8.10
CA LEU B 176 6.56 -14.23 9.38
C LEU B 176 6.08 -15.66 9.27
N GLU B 177 6.33 -16.43 10.33
CA GLU B 177 5.93 -17.81 10.44
C GLU B 177 4.88 -17.81 11.54
N VAL B 178 3.64 -18.09 11.17
CA VAL B 178 2.56 -18.12 12.15
C VAL B 178 1.54 -19.19 11.76
N PRO B 179 0.82 -19.76 12.74
CA PRO B 179 -0.16 -20.79 12.40
C PRO B 179 -1.25 -20.23 11.48
N LYS B 180 -1.78 -21.08 10.61
CA LYS B 180 -2.80 -20.65 9.67
C LYS B 180 -4.00 -19.98 10.34
N GLU B 181 -4.13 -20.18 11.64
CA GLU B 181 -5.24 -19.60 12.39
C GLU B 181 -5.10 -18.08 12.56
N VAL B 182 -3.88 -17.58 12.41
CA VAL B 182 -3.59 -16.15 12.57
C VAL B 182 -3.36 -15.49 11.23
N ALA B 183 -4.20 -14.53 10.88
CA ALA B 183 -4.05 -13.83 9.61
C ALA B 183 -2.86 -12.88 9.64
N VAL B 184 -2.22 -12.69 8.48
CA VAL B 184 -1.08 -11.81 8.38
C VAL B 184 -1.11 -11.02 7.07
N GLU B 185 -0.82 -9.73 7.18
CA GLU B 185 -0.76 -8.82 6.03
C GLU B 185 0.50 -8.02 6.22
N ASN B 186 1.34 -8.02 5.19
CA ASN B 186 2.59 -7.28 5.22
C ASN B 186 2.40 -5.92 4.55
N VAL B 187 2.96 -4.89 5.17
CA VAL B 187 2.83 -3.56 4.61
C VAL B 187 4.09 -3.21 3.84
N ASP B 188 3.93 -2.48 2.74
CA ASP B 188 5.10 -2.03 1.98
C ASP B 188 4.78 -0.60 1.60
N PHE B 189 5.26 0.35 2.40
CA PHE B 189 5.02 1.77 2.18
C PHE B 189 5.70 2.28 0.92
N LEU B 190 6.58 1.49 0.34
CA LEU B 190 7.28 1.93 -0.87
C LEU B 190 6.68 1.37 -2.16
N ALA B 191 5.60 0.61 -2.04
CA ALA B 191 4.96 0.03 -3.22
C ALA B 191 4.58 1.11 -4.23
N GLY B 192 4.21 2.28 -3.71
CA GLY B 192 3.79 3.38 -4.56
C GLY B 192 4.83 3.97 -5.47
N LEU B 193 6.11 3.81 -5.13
CA LEU B 193 7.20 4.34 -5.95
C LEU B 193 7.11 3.95 -7.43
N THR B 194 6.79 2.68 -7.67
CA THR B 194 6.71 2.17 -9.03
C THR B 194 5.48 2.72 -9.70
N ARG B 195 4.42 2.98 -8.93
CA ARG B 195 3.25 3.58 -9.55
C ARG B 195 3.62 5.02 -9.98
N LEU B 196 4.47 5.70 -9.21
CA LEU B 196 4.88 7.07 -9.59
C LEU B 196 5.82 7.08 -10.79
N SER B 197 6.78 6.17 -10.81
CA SER B 197 7.70 6.13 -11.95
C SER B 197 6.85 5.87 -13.20
N PHE B 198 5.91 4.92 -13.09
CA PHE B 198 5.04 4.62 -14.22
C PHE B 198 4.28 5.87 -14.64
N ALA B 199 3.68 6.56 -13.67
CA ALA B 199 2.92 7.77 -13.94
C ALA B 199 3.76 8.88 -14.56
N ILE B 200 4.96 9.09 -14.03
CA ILE B 200 5.83 10.13 -14.55
C ILE B 200 6.25 9.87 -16.00
N LEU B 201 6.48 8.60 -16.34
CA LEU B 201 6.87 8.25 -17.70
C LEU B 201 5.68 8.07 -18.65
N ASN B 202 4.49 7.87 -18.10
CA ASN B 202 3.30 7.71 -18.95
C ASN B 202 2.23 8.68 -18.45
N PRO B 203 2.53 9.98 -18.51
CA PRO B 203 1.63 11.04 -18.06
C PRO B 203 0.21 11.07 -18.60
N LYS B 204 0.02 10.60 -19.83
CA LYS B 204 -1.30 10.62 -20.45
C LYS B 204 -1.86 9.22 -20.65
N TRP B 205 -1.35 8.26 -19.89
CA TRP B 205 -1.78 6.87 -19.98
C TRP B 205 -3.24 6.60 -20.30
N ARG B 206 -3.49 6.00 -21.47
CA ARG B 206 -4.85 5.62 -21.88
C ARG B 206 -5.89 6.73 -22.02
N GLU B 207 -5.50 7.99 -21.97
CA GLU B 207 -6.50 9.04 -22.10
C GLU B 207 -7.12 9.05 -23.50
N GLU B 208 -8.24 9.75 -23.64
CA GLU B 208 -8.92 9.85 -24.92
C GLU B 208 -7.97 10.47 -25.93
N MET B 209 -7.17 11.41 -25.43
CA MET B 209 -6.16 12.10 -26.24
C MET B 209 -4.89 12.27 -25.40
N MET B 210 -3.81 11.62 -25.83
CA MET B 210 -2.53 11.70 -25.14
C MET B 210 -1.63 12.74 -25.80
N GLY B 211 -1.94 13.09 -27.05
CA GLY B 211 -1.15 14.08 -27.76
C GLY B 211 -1.48 15.49 -27.32
S SO4 C . 0.63 -18.19 -25.27
O1 SO4 C . 0.85 -17.33 -26.44
O2 SO4 C . -0.11 -17.41 -24.26
O3 SO4 C . -0.14 -19.39 -25.64
O4 SO4 C . 1.94 -18.58 -24.71
S SO4 D . 17.29 -2.84 -19.04
O1 SO4 D . 17.16 -1.66 -19.93
O2 SO4 D . 16.01 -3.15 -18.40
O3 SO4 D . 17.73 -3.99 -19.86
O4 SO4 D . 18.29 -2.55 -17.99
S SO4 E . 18.07 0.04 -0.17
O1 SO4 E . 18.89 1.05 -0.86
O2 SO4 E . 16.93 0.69 0.52
O3 SO4 E . 17.56 -0.95 -1.16
O4 SO4 E . 18.89 -0.65 0.85
S SO4 F . 7.71 29.36 1.31
O1 SO4 F . 8.72 30.42 1.18
O2 SO4 F . 7.50 29.06 -0.11
O3 SO4 F . 8.16 28.15 2.08
O4 SO4 F . 6.38 29.84 1.56
CL CL G . -2.62 -2.11 -0.65
PA NAD H . 6.17 14.00 13.21
O1A NAD H . 6.96 13.04 14.03
O2A NAD H . 5.47 15.12 13.88
O5B NAD H . 7.15 14.53 12.11
C5B NAD H . 6.79 15.51 11.08
C4B NAD H . 8.08 16.19 10.65
O4B NAD H . 7.67 17.17 9.62
C3B NAD H . 8.74 17.05 11.76
O3B NAD H . 10.13 16.66 11.89
C2B NAD H . 8.62 18.50 11.32
O2B NAD H . 9.62 19.38 11.75
C1B NAD H . 8.49 18.31 9.79
N9A NAD H . 7.77 19.37 9.13
C8A NAD H . 6.63 20.09 9.46
N7A NAD H . 6.30 21.00 8.56
C5A NAD H . 7.21 20.93 7.57
C6A NAD H . 7.38 21.67 6.33
N6A NAD H . 6.56 22.62 5.94
N1A NAD H . 8.47 21.28 5.57
C2A NAD H . 9.36 20.32 5.90
N3A NAD H . 9.24 19.59 7.09
C4A NAD H . 8.15 19.93 7.90
O3 NAD H . 5.08 13.18 12.41
PN NAD H . 5.06 11.62 11.99
O1N NAD H . 4.49 10.85 13.15
O2N NAD H . 6.46 11.32 11.53
O5D NAD H . 4.00 11.63 10.80
C5D NAD H . 4.33 12.29 9.53
C4D NAD H . 3.17 12.21 8.63
O4D NAD H . 2.85 10.76 8.41
C3D NAD H . 1.83 12.83 9.20
O3D NAD H . 1.06 13.48 8.17
C2D NAD H . 1.12 11.60 9.73
O2D NAD H . -0.23 11.77 10.02
C1D NAD H . 1.45 10.58 8.58
N1N NAD H . 1.09 9.19 8.95
C2N NAD H . 0.76 8.37 7.85
C3N NAD H . 0.82 7.06 7.86
C7N NAD H . 0.39 6.29 6.64
O7N NAD H . 0.22 5.06 6.78
N7N NAD H . 0.18 6.95 5.48
C4N NAD H . 1.26 6.29 9.10
C5N NAD H . 2.18 7.16 9.92
C6N NAD H . 1.86 8.54 10.01
C1 GOL I . 14.44 -22.45 -22.34
O1 GOL I . 15.41 -22.06 -23.62
C2 GOL I . 13.14 -22.89 -22.38
O2 GOL I . 12.42 -22.33 -23.40
C3 GOL I . 12.97 -23.63 -21.45
O3 GOL I . 13.27 -24.51 -20.19
S SO4 J . -26.33 -2.86 -12.86
O1 SO4 J . -25.46 -4.03 -12.61
O2 SO4 J . -27.65 -3.12 -12.30
O3 SO4 J . -25.78 -1.65 -12.20
O4 SO4 J . -26.40 -2.63 -14.31
S SO4 K . 7.39 14.12 28.98
O1 SO4 K . 7.64 15.11 27.92
O2 SO4 K . 6.48 14.69 29.99
O3 SO4 K . 6.77 12.92 28.39
O4 SO4 K . 8.67 13.75 29.63
PA NAD L . 13.32 1.67 15.58
O1A NAD L . 13.20 3.15 15.68
O2A NAD L . 14.66 1.03 15.76
O5B NAD L . 12.29 1.11 16.60
C5B NAD L . 12.10 -0.31 16.84
C4B NAD L . 11.51 -0.45 18.22
O4B NAD L . 11.32 -1.88 18.39
C3B NAD L . 12.44 -0.04 19.42
O3B NAD L . 11.75 0.95 20.26
C2B NAD L . 12.72 -1.34 20.17
O2B NAD L . 12.94 -1.27 21.53
C1B NAD L . 11.47 -2.13 19.77
N9A NAD L . 11.63 -3.56 19.87
C8A NAD L . 12.65 -4.45 19.53
N7A NAD L . 12.37 -5.71 19.80
C5A NAD L . 11.13 -5.73 20.34
C6A NAD L . 10.26 -6.80 20.83
N6A NAD L . 10.62 -8.07 20.83
N1A NAD L . 9.02 -6.37 21.32
C2A NAD L . 8.59 -5.10 21.37
N3A NAD L . 9.38 -4.04 20.91
C4A NAD L . 10.64 -4.40 20.41
O3 NAD L . 12.76 1.18 14.15
PN NAD L . 11.79 1.93 13.04
O1N NAD L . 12.62 2.80 12.18
O2N NAD L . 10.67 2.52 13.82
O5D NAD L . 11.35 0.65 12.16
C5D NAD L . 10.50 -0.38 12.75
C4D NAD L . 10.24 -1.43 11.74
O4D NAD L . 9.50 -0.81 10.58
C3D NAD L . 11.53 -2.07 11.08
O3D NAD L . 11.34 -3.48 10.86
C2D NAD L . 11.63 -1.33 9.76
O2D NAD L . 12.43 -1.93 8.81
C1D NAD L . 10.10 -1.25 9.36
N1N NAD L . 9.90 -0.33 8.22
C2N NAD L . 8.82 -0.69 7.36
C3N NAD L . 8.27 0.17 6.50
C7N NAD L . 7.17 -0.29 5.60
O7N NAD L . 6.85 0.45 4.64
N7N NAD L . 6.61 -1.49 5.81
C4N NAD L . 8.76 1.61 6.40
C5N NAD L . 9.25 2.04 7.77
C6N NAD L . 10.08 1.11 8.44
#